data_8QJG
#
_entry.id   8QJG
#
_cell.length_a   95.104
_cell.length_b   74.101
_cell.length_c   56.019
_cell.angle_alpha   90.00
_cell.angle_beta   103.92
_cell.angle_gamma   90.00
#
_symmetry.space_group_name_H-M   'C 1 2 1'
#
loop_
_entity.id
_entity.type
_entity.pdbx_description
1 polymer 'Lipoprotein cytochrome c'
2 non-polymer 'SULFATE ION'
3 non-polymer 'HEME C'
4 non-polymer 1,2-ETHANEDIOL
5 water water
#
_entity_poly.entity_id   1
_entity_poly.type   'polypeptide(L)'
_entity_poly.pdbx_seq_one_letter_code
;MKFKLNLITLALLANTGLAVAADGNGSALYGNNCQACHGSITNSDIQTRTVSAIQSAISGNRGGMGFLSTLTSAEIQAIA
TSLASAVGSGWSHPQFEK
;
_entity_poly.pdbx_strand_id   A,B,C,D,E,F
#
loop_
_chem_comp.id
_chem_comp.type
_chem_comp.name
_chem_comp.formula
EDO non-polymer 1,2-ETHANEDIOL 'C2 H6 O2'
HEC non-polymer 'HEME C' 'C34 H34 Fe N4 O4'
SO4 non-polymer 'SULFATE ION' 'O4 S -2'
#
# COMPACT_ATOMS: atom_id res chain seq x y z
N ALA A 22 -6.54 -6.40 31.79
CA ALA A 22 -6.76 -4.92 31.79
C ALA A 22 -7.40 -4.47 30.47
N ASP A 23 -8.56 -3.83 30.56
CA ASP A 23 -9.21 -3.28 29.37
C ASP A 23 -8.28 -2.28 28.70
N GLY A 24 -8.13 -2.40 27.38
CA GLY A 24 -7.39 -1.44 26.60
C GLY A 24 -5.90 -1.67 26.54
N ASN A 25 -5.41 -2.81 27.07
CA ASN A 25 -3.99 -3.05 27.20
C ASN A 25 -3.32 -3.16 25.84
N GLY A 26 -3.90 -3.99 24.97
CA GLY A 26 -3.31 -4.19 23.65
C GLY A 26 -3.24 -2.92 22.85
N SER A 27 -4.35 -2.17 22.80
CA SER A 27 -4.36 -0.91 22.05
C SER A 27 -3.38 0.11 22.63
N ALA A 28 -3.27 0.20 23.96
CA ALA A 28 -2.33 1.14 24.57
C ALA A 28 -0.88 0.76 24.27
N LEU A 29 -0.57 -0.53 24.37
CA LEU A 29 0.75 -1.04 24.04
C LEU A 29 1.09 -0.71 22.58
N TYR A 30 0.14 -0.95 21.68
CA TYR A 30 0.36 -0.67 20.28
C TYR A 30 0.57 0.83 20.07
N GLY A 31 -0.22 1.66 20.71
CA GLY A 31 -0.05 3.09 20.57
C GLY A 31 1.29 3.60 21.07
N ASN A 32 1.83 2.98 22.12
CA ASN A 32 3.10 3.42 22.66
C ASN A 32 4.31 2.86 21.91
N ASN A 33 4.17 1.69 21.26
CA ASN A 33 5.31 0.96 20.72
C ASN A 33 5.29 0.75 19.20
N CYS A 34 4.15 0.92 18.54
CA CYS A 34 4.05 0.53 17.13
C CYS A 34 3.57 1.64 16.20
N GLN A 35 2.68 2.48 16.72
CA GLN A 35 1.85 3.35 15.89
C GLN A 35 2.68 4.39 15.14
N ALA A 36 3.78 4.82 15.75
CA ALA A 36 4.61 5.86 15.12
C ALA A 36 5.05 5.45 13.73
N CYS A 37 5.28 4.14 13.50
CA CYS A 37 5.75 3.62 12.21
C CYS A 37 4.71 2.88 11.39
N HIS A 38 3.65 2.35 12.01
CA HIS A 38 2.68 1.48 11.34
C HIS A 38 1.30 2.10 11.20
N GLY A 39 1.06 3.29 11.76
CA GLY A 39 -0.27 3.86 11.82
C GLY A 39 -1.06 3.48 13.08
N SER A 40 -2.16 4.22 13.30
CA SER A 40 -3.08 3.88 14.39
C SER A 40 -3.59 2.45 14.21
N ILE A 41 -4.05 1.86 15.30
CA ILE A 41 -4.34 0.44 15.26
C ILE A 41 -5.52 0.16 14.34
N THR A 42 -6.45 1.09 14.18
CA THR A 42 -7.59 0.81 13.29
C THR A 42 -7.23 1.02 11.83
N ASN A 43 -6.12 1.71 11.57
CA ASN A 43 -5.59 1.96 10.24
C ASN A 43 -4.14 1.46 10.14
N SER A 44 -3.85 0.29 10.69
CA SER A 44 -2.49 -0.22 10.72
C SER A 44 -2.12 -0.87 9.39
N ASP A 45 -0.85 -0.74 9.00
CA ASP A 45 -0.39 -1.35 7.77
C ASP A 45 0.23 -2.74 7.99
N ILE A 46 0.13 -3.29 9.20
CA ILE A 46 0.70 -4.60 9.49
C ILE A 46 -0.13 -5.70 8.83
N GLN A 47 0.56 -6.64 8.20
CA GLN A 47 -0.12 -7.75 7.54
C GLN A 47 -0.38 -8.91 8.49
N THR A 48 0.66 -9.46 9.07
CA THR A 48 0.54 -10.73 9.78
C THR A 48 0.50 -10.40 11.27
N ARG A 49 -0.72 -10.48 11.80
CA ARG A 49 -1.03 -9.98 13.13
C ARG A 49 -1.01 -11.13 14.15
N THR A 50 0.18 -11.71 14.29
CA THR A 50 0.40 -12.83 15.17
C THR A 50 1.65 -12.58 16.00
N VAL A 51 1.73 -13.26 17.15
CA VAL A 51 2.91 -13.17 18.02
C VAL A 51 4.16 -13.59 17.25
N SER A 52 4.09 -14.70 16.52
CA SER A 52 5.30 -15.19 15.86
C SER A 52 5.78 -14.20 14.81
N ALA A 53 4.84 -13.58 14.10
CA ALA A 53 5.18 -12.59 13.08
C ALA A 53 5.85 -11.37 13.71
N ILE A 54 5.30 -10.90 14.83
CA ILE A 54 5.88 -9.75 15.50
C ILE A 54 7.25 -10.10 16.05
N GLN A 55 7.38 -11.28 16.65
CA GLN A 55 8.67 -11.64 17.22
C GLN A 55 9.71 -11.80 16.11
N SER A 56 9.30 -12.37 14.99
CA SER A 56 10.22 -12.52 13.86
C SER A 56 10.69 -11.17 13.34
N ALA A 57 9.78 -10.20 13.20
CA ALA A 57 10.19 -8.86 12.79
C ALA A 57 11.14 -8.22 13.79
N ILE A 58 10.88 -8.37 15.09
CA ILE A 58 11.81 -7.84 16.08
C ILE A 58 13.19 -8.50 15.89
N SER A 59 13.22 -9.83 15.84
CA SER A 59 14.48 -10.54 15.79
C SER A 59 15.28 -10.22 14.53
N GLY A 60 14.60 -9.95 13.41
CA GLY A 60 15.22 -9.57 12.15
C GLY A 60 15.46 -8.07 12.02
N ASN A 61 15.10 -7.29 13.04
CA ASN A 61 15.33 -5.84 13.06
C ASN A 61 14.68 -5.20 11.85
N ARG A 62 13.53 -5.72 11.42
CA ARG A 62 12.87 -5.10 10.30
C ARG A 62 12.47 -3.71 10.75
N GLY A 63 12.88 -2.73 9.96
CA GLY A 63 12.52 -1.36 10.25
C GLY A 63 13.15 -0.81 11.51
N GLY A 64 14.21 -1.44 12.01
CA GLY A 64 14.80 -1.07 13.28
C GLY A 64 14.07 -1.56 14.51
N MET A 65 13.14 -2.52 14.40
CA MET A 65 12.28 -2.97 15.52
C MET A 65 13.05 -3.76 16.59
N GLY A 66 14.34 -4.07 16.36
CA GLY A 66 15.09 -4.83 17.35
C GLY A 66 15.06 -4.22 18.75
N PHE A 67 14.84 -2.92 18.85
CA PHE A 67 14.76 -2.27 20.17
C PHE A 67 13.56 -2.78 20.98
N LEU A 68 12.57 -3.38 20.34
CA LEU A 68 11.36 -3.87 20.99
C LEU A 68 11.56 -5.22 21.67
N SER A 69 12.81 -5.68 21.78
CA SER A 69 13.11 -6.84 22.61
C SER A 69 12.65 -6.67 24.05
N THR A 70 12.33 -5.45 24.48
CA THR A 70 11.86 -5.16 25.84
C THR A 70 10.42 -5.60 26.10
N LEU A 71 9.66 -5.92 25.05
CA LEU A 71 8.30 -6.38 25.23
C LEU A 71 8.28 -7.81 25.74
N THR A 72 7.43 -8.08 26.74
CA THR A 72 7.18 -9.46 27.16
C THR A 72 6.29 -10.20 26.15
N SER A 73 6.28 -11.52 26.27
CA SER A 73 5.41 -12.33 25.43
C SER A 73 3.95 -12.04 25.68
N ALA A 74 3.59 -11.73 26.93
CA ALA A 74 2.22 -11.35 27.21
C ALA A 74 1.87 -10.05 26.51
N GLU A 75 2.80 -9.11 26.45
CA GLU A 75 2.51 -7.83 25.79
C GLU A 75 2.39 -8.02 24.27
N ILE A 76 3.24 -8.84 23.67
CA ILE A 76 3.10 -9.09 22.23
C ILE A 76 1.76 -9.79 21.93
N GLN A 77 1.38 -10.75 22.78
CA GLN A 77 0.07 -11.36 22.66
C GLN A 77 -1.03 -10.31 22.65
N ALA A 78 -0.98 -9.39 23.63
CA ALA A 78 -2.04 -8.38 23.75
C ALA A 78 -2.08 -7.48 22.51
N ILE A 79 -0.91 -7.14 21.94
CA ILE A 79 -0.85 -6.33 20.73
C ILE A 79 -1.43 -7.10 19.53
N ALA A 80 -1.01 -8.35 19.37
CA ALA A 80 -1.48 -9.16 18.25
C ALA A 80 -2.99 -9.37 18.32
N THR A 81 -3.52 -9.63 19.52
CA THR A 81 -4.96 -9.83 19.68
C THR A 81 -5.71 -8.56 19.29
N SER A 82 -5.23 -7.42 19.77
CA SER A 82 -5.87 -6.15 19.47
C SER A 82 -5.83 -5.88 17.97
N LEU A 83 -4.65 -6.08 17.34
CA LEU A 83 -4.53 -5.88 15.89
C LEU A 83 -5.50 -6.79 15.12
N ALA A 84 -5.56 -8.06 15.50
CA ALA A 84 -6.39 -9.01 14.77
C ALA A 84 -7.87 -8.64 14.90
N SER A 85 -8.26 -8.07 16.04
CA SER A 85 -9.63 -7.64 16.27
C SER A 85 -9.97 -6.37 15.51
N ALA A 86 -8.98 -5.59 15.10
CA ALA A 86 -9.26 -4.32 14.46
C ALA A 86 -9.54 -4.51 12.97
N VAL A 87 -9.33 -5.73 12.48
CA VAL A 87 -9.61 -6.04 11.08
N ALA B 22 0.11 -16.85 -23.66
CA ALA B 22 -0.10 -15.51 -24.26
C ALA B 22 1.20 -14.70 -24.34
N ASP B 23 1.57 -14.27 -25.54
CA ASP B 23 2.82 -13.53 -25.72
C ASP B 23 2.79 -12.25 -24.89
N GLY B 24 3.90 -11.97 -24.19
CA GLY B 24 4.04 -10.76 -23.43
C GLY B 24 3.33 -10.75 -22.09
N ASN B 25 2.86 -11.91 -21.62
CA ASN B 25 2.03 -12.01 -20.42
C ASN B 25 2.85 -11.67 -19.19
N GLY B 26 4.03 -12.29 -19.06
CA GLY B 26 4.88 -12.01 -17.92
C GLY B 26 5.30 -10.56 -17.82
N SER B 27 5.74 -9.98 -18.93
CA SER B 27 6.15 -8.58 -18.93
C SER B 27 5.00 -7.64 -18.58
N ALA B 28 3.80 -7.90 -19.13
CA ALA B 28 2.67 -7.02 -18.85
C ALA B 28 2.25 -7.14 -17.37
N LEU B 29 2.23 -8.37 -16.85
CA LEU B 29 1.96 -8.60 -15.43
C LEU B 29 2.94 -7.84 -14.55
N TYR B 30 4.23 -7.89 -14.89
CA TYR B 30 5.24 -7.17 -14.12
C TYR B 30 5.02 -5.66 -14.22
N GLY B 31 4.71 -5.18 -15.40
CA GLY B 31 4.49 -3.75 -15.53
C GLY B 31 3.31 -3.27 -14.72
N ASN B 32 2.30 -4.11 -14.60
CA ASN B 32 1.09 -3.70 -13.92
C ASN B 32 1.16 -3.88 -12.42
N ASN B 33 2.03 -4.78 -11.92
CA ASN B 33 2.04 -5.17 -10.52
C ASN B 33 3.35 -4.93 -9.81
N CYS B 34 4.44 -4.67 -10.53
CA CYS B 34 5.76 -4.64 -9.89
C CYS B 34 6.56 -3.36 -10.15
N GLN B 35 6.40 -2.84 -11.36
CA GLN B 35 7.36 -1.88 -11.89
C GLN B 35 7.34 -0.58 -11.12
N ALA B 36 6.19 -0.22 -10.55
CA ALA B 36 6.11 1.05 -9.82
C ALA B 36 7.09 1.11 -8.66
N CYS B 37 7.44 -0.04 -8.08
CA CYS B 37 8.35 -0.07 -6.96
C CYS B 37 9.73 -0.63 -7.28
N HIS B 38 9.89 -1.39 -8.36
CA HIS B 38 11.14 -2.08 -8.63
C HIS B 38 11.82 -1.62 -9.93
N GLY B 39 11.20 -0.71 -10.68
CA GLY B 39 11.72 -0.31 -11.97
C GLY B 39 11.17 -1.15 -13.11
N SER B 40 11.40 -0.69 -14.35
CA SER B 40 10.94 -1.46 -15.52
C SER B 40 11.69 -2.80 -15.56
N ILE B 41 11.17 -3.73 -16.35
CA ILE B 41 11.65 -5.10 -16.18
C ILE B 41 13.09 -5.25 -16.66
N THR B 42 13.50 -4.45 -17.65
CA THR B 42 14.88 -4.54 -18.12
C THR B 42 15.85 -3.77 -17.21
N ASN B 43 15.34 -2.92 -16.33
CA ASN B 43 16.14 -2.20 -15.34
C ASN B 43 15.61 -2.46 -13.90
N SER B 44 15.30 -3.72 -13.60
CA SER B 44 14.68 -4.08 -12.33
C SER B 44 15.73 -4.26 -11.25
N ASP B 45 15.41 -3.81 -10.03
CA ASP B 45 16.32 -3.99 -8.91
C ASP B 45 16.08 -5.29 -8.17
N ILE B 46 15.20 -6.16 -8.68
CA ILE B 46 14.92 -7.42 -7.99
C ILE B 46 16.12 -8.34 -8.11
N GLN B 47 16.51 -8.96 -7.00
CA GLN B 47 17.65 -9.86 -7.02
C GLN B 47 17.25 -11.30 -7.37
N THR B 48 16.35 -11.90 -6.59
CA THR B 48 16.09 -13.33 -6.68
C THR B 48 14.82 -13.51 -7.50
N ARG B 49 14.99 -13.89 -8.75
CA ARG B 49 13.92 -13.87 -9.74
C ARG B 49 13.34 -15.28 -9.88
N THR B 50 12.70 -15.70 -8.80
CA THR B 50 12.15 -17.04 -8.70
C THR B 50 10.75 -16.97 -8.10
N VAL B 51 9.95 -18.01 -8.38
CA VAL B 51 8.61 -18.09 -7.78
C VAL B 51 8.70 -18.09 -6.27
N SER B 52 9.63 -18.86 -5.72
CA SER B 52 9.73 -18.97 -4.27
C SER B 52 10.05 -17.64 -3.62
N ALA B 53 10.96 -16.87 -4.21
CA ALA B 53 11.31 -15.59 -3.62
C ALA B 53 10.15 -14.60 -3.73
N ILE B 54 9.46 -14.58 -4.86
CA ILE B 54 8.33 -13.67 -4.99
C ILE B 54 7.24 -14.02 -3.99
N GLN B 55 6.92 -15.31 -3.86
CA GLN B 55 5.93 -15.74 -2.88
C GLN B 55 6.36 -15.36 -1.46
N SER B 56 7.63 -15.59 -1.14
CA SER B 56 8.11 -15.27 0.21
C SER B 56 8.05 -13.78 0.48
N ALA B 57 8.33 -12.95 -0.53
CA ALA B 57 8.26 -11.51 -0.29
C ALA B 57 6.83 -11.05 -0.07
N ILE B 58 5.87 -11.60 -0.83
CA ILE B 58 4.46 -11.28 -0.59
C ILE B 58 4.06 -11.70 0.81
N SER B 59 4.39 -12.95 1.18
CA SER B 59 3.94 -13.49 2.46
C SER B 59 4.54 -12.71 3.64
N GLY B 60 5.73 -12.17 3.48
CA GLY B 60 6.35 -11.36 4.50
C GLY B 60 6.02 -9.89 4.39
N ASN B 61 5.22 -9.51 3.42
CA ASN B 61 4.82 -8.12 3.23
C ASN B 61 6.04 -7.22 3.08
N ARG B 62 7.09 -7.74 2.43
CA ARG B 62 8.25 -6.88 2.20
C ARG B 62 7.78 -5.72 1.35
N GLY B 63 8.05 -4.51 1.82
CA GLY B 63 7.68 -3.31 1.09
C GLY B 63 6.19 -3.13 0.88
N GLY B 64 5.35 -3.82 1.65
CA GLY B 64 3.91 -3.71 1.47
C GLY B 64 3.32 -4.62 0.41
N MET B 65 4.11 -5.58 -0.09
CA MET B 65 3.72 -6.48 -1.18
C MET B 65 2.60 -7.45 -0.80
N GLY B 66 2.14 -7.44 0.45
CA GLY B 66 1.15 -8.41 0.86
C GLY B 66 -0.12 -8.30 0.02
N PHE B 67 -0.40 -7.09 -0.49
CA PHE B 67 -1.59 -6.86 -1.33
C PHE B 67 -1.58 -7.75 -2.58
N LEU B 68 -0.45 -8.32 -2.94
CA LEU B 68 -0.29 -9.11 -4.16
C LEU B 68 -0.72 -10.57 -3.97
N SER B 69 -1.41 -10.86 -2.88
CA SER B 69 -2.03 -12.17 -2.75
C SER B 69 -3.03 -12.44 -3.86
N THR B 70 -3.41 -11.40 -4.61
CA THR B 70 -4.33 -11.56 -5.74
C THR B 70 -3.72 -12.26 -6.95
N LEU B 71 -2.39 -12.38 -7.01
CA LEU B 71 -1.79 -13.06 -8.14
C LEU B 71 -1.92 -14.57 -7.95
N THR B 72 -2.24 -15.26 -9.05
CA THR B 72 -2.19 -16.72 -9.09
C THR B 72 -0.74 -17.22 -9.14
N SER B 73 -0.55 -18.52 -8.86
CA SER B 73 0.79 -19.05 -9.00
C SER B 73 1.22 -19.04 -10.45
N ALA B 74 0.27 -19.26 -11.38
CA ALA B 74 0.60 -19.15 -12.79
C ALA B 74 1.14 -17.77 -13.12
N GLU B 75 0.57 -16.72 -12.51
CA GLU B 75 1.00 -15.38 -12.84
C GLU B 75 2.37 -15.09 -12.21
N ILE B 76 2.62 -15.60 -11.00
CA ILE B 76 3.94 -15.42 -10.40
C ILE B 76 5.01 -16.12 -11.24
N GLN B 77 4.72 -17.31 -11.77
CA GLN B 77 5.69 -18.00 -12.62
C GLN B 77 5.97 -17.21 -13.89
N ALA B 78 4.91 -16.68 -14.50
CA ALA B 78 5.08 -15.88 -15.71
C ALA B 78 5.97 -14.66 -15.42
N ILE B 79 5.77 -14.01 -14.27
CA ILE B 79 6.59 -12.87 -13.91
C ILE B 79 8.04 -13.29 -13.66
N ALA B 80 8.23 -14.34 -12.87
CA ALA B 80 9.58 -14.83 -12.61
C ALA B 80 10.34 -15.19 -13.89
N THR B 81 9.66 -15.85 -14.84
CA THR B 81 10.32 -16.26 -16.08
C THR B 81 10.74 -15.03 -16.89
N SER B 82 9.85 -14.06 -17.00
CA SER B 82 10.16 -12.82 -17.69
C SER B 82 11.30 -12.08 -17.00
N LEU B 83 11.28 -12.02 -15.66
CA LEU B 83 12.38 -11.36 -14.96
C LEU B 83 13.70 -12.07 -15.22
N ALA B 84 13.69 -13.40 -15.18
CA ALA B 84 14.92 -14.15 -15.36
C ALA B 84 15.48 -13.93 -16.75
N SER B 85 14.60 -13.81 -17.74
CA SER B 85 15.03 -13.64 -19.12
C SER B 85 15.60 -12.26 -19.36
N ALA B 86 15.23 -11.27 -18.55
CA ALA B 86 15.69 -9.92 -18.82
C ALA B 86 17.11 -9.73 -18.24
N VAL B 87 17.58 -10.71 -17.49
CA VAL B 87 18.87 -10.62 -16.81
N ASP C 23 -9.84 -14.93 -4.98
CA ASP C 23 -8.91 -14.28 -4.05
C ASP C 23 -8.63 -12.83 -4.47
N GLY C 24 -9.61 -12.18 -5.09
CA GLY C 24 -9.41 -10.87 -5.67
C GLY C 24 -8.76 -10.89 -7.04
N ASN C 25 -8.46 -12.07 -7.57
CA ASN C 25 -7.67 -12.15 -8.80
C ASN C 25 -8.38 -11.44 -9.95
N GLY C 26 -9.67 -11.75 -10.17
CA GLY C 26 -10.33 -11.21 -11.33
C GLY C 26 -10.55 -9.71 -11.20
N SER C 27 -10.85 -9.24 -9.99
CA SER C 27 -11.07 -7.81 -9.83
C SER C 27 -9.79 -7.03 -10.01
N ALA C 28 -8.69 -7.58 -9.51
CA ALA C 28 -7.40 -6.92 -9.70
C ALA C 28 -7.05 -6.87 -11.19
N LEU C 29 -7.24 -7.99 -11.89
CA LEU C 29 -6.99 -8.00 -13.34
C LEU C 29 -7.84 -6.95 -14.05
N TYR C 30 -9.13 -6.86 -13.68
CA TYR C 30 -9.99 -5.87 -14.33
C TYR C 30 -9.52 -4.46 -14.01
N GLY C 31 -9.13 -4.19 -12.76
CA GLY C 31 -8.64 -2.86 -12.43
C GLY C 31 -7.40 -2.49 -13.21
N ASN C 32 -6.51 -3.46 -13.41
CA ASN C 32 -5.26 -3.17 -14.07
C ASN C 32 -5.40 -3.08 -15.59
N ASN C 33 -6.41 -3.74 -16.16
CA ASN C 33 -6.45 -3.97 -17.60
C ASN C 33 -7.66 -3.40 -18.31
N CYS C 34 -8.72 -3.01 -17.58
CA CYS C 34 -9.97 -2.67 -18.25
C CYS C 34 -10.50 -1.34 -17.75
N GLN C 35 -10.21 -1.01 -16.47
CA GLN C 35 -10.96 0.03 -15.78
C GLN C 35 -10.78 1.41 -16.40
N ALA C 36 -9.59 1.71 -16.92
CA ALA C 36 -9.36 3.04 -17.47
C ALA C 36 -10.36 3.39 -18.57
N CYS C 37 -10.87 2.39 -19.27
CA CYS C 37 -11.73 2.64 -20.42
C CYS C 37 -13.19 2.31 -20.19
N HIS C 38 -13.50 1.52 -19.15
CA HIS C 38 -14.82 0.97 -18.97
C HIS C 38 -15.43 1.30 -17.61
N GLY C 39 -14.67 1.95 -16.74
CA GLY C 39 -15.13 2.28 -15.39
C GLY C 39 -14.78 1.20 -14.39
N SER C 40 -14.91 1.55 -13.09
CA SER C 40 -14.64 0.56 -12.06
C SER C 40 -15.58 -0.64 -12.24
N ILE C 41 -15.16 -1.79 -11.72
CA ILE C 41 -15.88 -3.03 -12.03
C ILE C 41 -17.33 -3.00 -11.56
N THR C 42 -17.63 -2.29 -10.46
CA THR C 42 -19.01 -2.24 -10.00
C THR C 42 -19.84 -1.22 -10.77
N ASN C 43 -19.21 -0.38 -11.59
CA ASN C 43 -19.89 0.66 -12.36
C ASN C 43 -19.47 0.59 -13.83
N SER C 44 -19.32 -0.62 -14.37
CA SER C 44 -18.72 -0.84 -15.68
C SER C 44 -19.77 -0.69 -16.79
N ASP C 45 -19.37 -0.08 -17.91
CA ASP C 45 -20.27 0.08 -19.04
C ASP C 45 -20.24 -1.12 -19.98
N ILE C 46 -19.49 -2.16 -19.66
CA ILE C 46 -19.40 -3.33 -20.51
C ILE C 46 -20.77 -4.01 -20.55
N GLN C 47 -21.23 -4.34 -21.75
CA GLN C 47 -22.57 -4.87 -21.94
C GLN C 47 -22.61 -6.41 -21.88
N THR C 48 -21.82 -7.07 -22.72
CA THR C 48 -21.80 -8.54 -22.76
C THR C 48 -20.61 -9.00 -21.92
N ARG C 49 -20.90 -9.57 -20.75
CA ARG C 49 -19.87 -9.91 -19.78
C ARG C 49 -19.56 -11.40 -19.84
N THR C 50 -19.04 -11.82 -20.99
CA THR C 50 -18.71 -13.20 -21.29
C THR C 50 -17.27 -13.31 -21.80
N VAL C 51 -16.70 -14.51 -21.67
CA VAL C 51 -15.39 -14.74 -22.23
C VAL C 51 -15.40 -14.51 -23.74
N SER C 52 -16.41 -15.04 -24.44
CA SER C 52 -16.43 -14.90 -25.90
C SER C 52 -16.42 -13.43 -26.30
N ALA C 53 -17.17 -12.60 -25.59
CA ALA C 53 -17.25 -11.19 -25.97
C ALA C 53 -15.93 -10.49 -25.71
N ILE C 54 -15.27 -10.84 -24.61
CA ILE C 54 -14.01 -10.22 -24.26
C ILE C 54 -12.96 -10.60 -25.28
N GLN C 55 -12.82 -11.92 -25.55
CA GLN C 55 -11.86 -12.38 -26.55
C GLN C 55 -12.14 -11.78 -27.91
N SER C 56 -13.42 -11.65 -28.30
CA SER C 56 -13.71 -11.13 -29.62
C SER C 56 -13.38 -9.64 -29.70
N ALA C 57 -13.60 -8.90 -28.61
CA ALA C 57 -13.23 -7.49 -28.59
C ALA C 57 -11.72 -7.31 -28.69
N ILE C 58 -10.95 -8.14 -27.98
CA ILE C 58 -9.50 -8.05 -28.05
C ILE C 58 -9.02 -8.40 -29.45
N SER C 59 -9.45 -9.56 -29.97
CA SER C 59 -9.07 -9.99 -31.31
C SER C 59 -9.41 -8.98 -32.40
N GLY C 60 -10.54 -8.30 -32.26
CA GLY C 60 -10.97 -7.28 -33.17
C GLY C 60 -10.44 -5.92 -32.88
N ASN C 61 -9.65 -5.78 -31.82
CA ASN C 61 -8.99 -4.52 -31.48
C ASN C 61 -10.00 -3.41 -31.28
N ARG C 62 -11.17 -3.76 -30.68
CA ARG C 62 -12.20 -2.77 -30.37
C ARG C 62 -11.63 -1.77 -29.41
N GLY C 63 -11.74 -0.48 -29.75
CA GLY C 63 -11.25 0.55 -28.87
C GLY C 63 -9.76 0.49 -28.61
N GLY C 64 -9.00 -0.21 -29.43
CA GLY C 64 -7.60 -0.37 -29.18
C GLY C 64 -7.24 -1.53 -28.30
N MET C 65 -8.19 -2.39 -27.95
CA MET C 65 -7.96 -3.48 -26.97
C MET C 65 -7.03 -4.59 -27.48
N GLY C 66 -6.52 -4.51 -28.71
CA GLY C 66 -5.66 -5.58 -29.20
C GLY C 66 -4.40 -5.77 -28.39
N PHE C 67 -3.92 -4.72 -27.75
CA PHE C 67 -2.76 -4.83 -26.88
C PHE C 67 -2.98 -5.83 -25.75
N LEU C 68 -4.25 -6.16 -25.40
CA LEU C 68 -4.58 -7.13 -24.38
C LEU C 68 -4.44 -8.58 -24.83
N SER C 69 -3.76 -8.83 -25.95
CA SER C 69 -3.36 -10.19 -26.28
C SER C 69 -2.41 -10.77 -25.26
N THR C 70 -1.85 -9.94 -24.37
CA THR C 70 -1.02 -10.41 -23.27
C THR C 70 -1.79 -11.18 -22.20
N LEU C 71 -3.13 -11.12 -22.19
CA LEU C 71 -3.91 -11.89 -21.23
C LEU C 71 -3.98 -13.36 -21.65
N THR C 72 -3.76 -14.23 -20.67
CA THR C 72 -3.98 -15.66 -20.81
C THR C 72 -5.48 -15.95 -20.75
N SER C 73 -5.86 -17.17 -21.15
CA SER C 73 -7.27 -17.50 -21.12
C SER C 73 -7.76 -17.64 -19.68
N ALA C 74 -6.89 -18.05 -18.75
CA ALA C 74 -7.25 -18.05 -17.34
C ALA C 74 -7.62 -16.66 -16.86
N GLU C 75 -6.84 -15.66 -17.28
CA GLU C 75 -7.09 -14.29 -16.86
C GLU C 75 -8.38 -13.75 -17.45
N ILE C 76 -8.63 -14.03 -18.74
CA ILE C 76 -9.89 -13.59 -19.35
C ILE C 76 -11.08 -14.20 -18.60
N GLN C 77 -11.01 -15.49 -18.28
CA GLN C 77 -12.09 -16.09 -17.51
C GLN C 77 -12.25 -15.45 -16.15
N ALA C 78 -11.14 -15.18 -15.45
CA ALA C 78 -11.24 -14.55 -14.16
C ALA C 78 -11.92 -13.19 -14.26
N ILE C 79 -11.58 -12.41 -15.29
CA ILE C 79 -12.19 -11.09 -15.45
C ILE C 79 -13.69 -11.26 -15.72
N ALA C 80 -14.04 -12.17 -16.62
CA ALA C 80 -15.44 -12.38 -16.95
C ALA C 80 -16.27 -12.76 -15.74
N THR C 81 -15.72 -13.63 -14.88
CA THR C 81 -16.48 -14.06 -13.70
C THR C 81 -16.70 -12.90 -12.72
N SER C 82 -15.66 -12.09 -12.49
CA SER C 82 -15.79 -10.95 -11.60
C SER C 82 -16.73 -9.91 -12.19
N LEU C 83 -16.65 -9.67 -13.50
CA LEU C 83 -17.57 -8.74 -14.14
C LEU C 83 -19.00 -9.24 -14.01
N ALA C 84 -19.22 -10.53 -14.23
CA ALA C 84 -20.57 -11.05 -14.21
C ALA C 84 -21.15 -10.96 -12.81
N SER C 85 -20.30 -11.20 -11.80
CA SER C 85 -20.75 -11.13 -10.41
C SER C 85 -21.08 -9.71 -10.00
N ALA C 86 -20.39 -8.72 -10.56
CA ALA C 86 -20.63 -7.32 -10.24
C ALA C 86 -21.82 -6.79 -11.04
N ALA D 22 7.80 16.67 -8.47
CA ALA D 22 7.99 15.28 -7.95
C ALA D 22 8.95 14.51 -8.84
N ASP D 23 10.05 14.06 -8.25
CA ASP D 23 10.98 13.20 -8.98
C ASP D 23 10.25 11.96 -9.45
N GLY D 24 10.52 11.56 -10.70
CA GLY D 24 9.94 10.35 -11.25
C GLY D 24 8.52 10.47 -11.74
N ASN D 25 7.97 11.69 -11.77
CA ASN D 25 6.56 11.90 -12.08
C ASN D 25 6.25 11.51 -13.52
N GLY D 26 7.04 12.01 -14.47
CA GLY D 26 6.77 11.72 -15.88
C GLY D 26 6.87 10.25 -16.21
N SER D 27 7.89 9.58 -15.67
CA SER D 27 8.06 8.16 -15.97
C SER D 27 6.98 7.31 -15.32
N ALA D 28 6.57 7.65 -14.09
CA ALA D 28 5.48 6.92 -13.47
C ALA D 28 4.17 7.13 -14.23
N LEU D 29 3.90 8.37 -14.65
CA LEU D 29 2.73 8.66 -15.46
C LEU D 29 2.74 7.87 -16.78
N TYR D 30 3.91 7.82 -17.44
CA TYR D 30 4.07 7.03 -18.65
C TYR D 30 3.85 5.54 -18.37
N GLY D 31 4.41 5.05 -17.27
CA GLY D 31 4.20 3.64 -16.92
C GLY D 31 2.73 3.29 -16.75
N ASN D 32 1.97 4.19 -16.14
CA ASN D 32 0.58 3.91 -15.85
C ASN D 32 -0.37 4.17 -17.01
N ASN D 33 0.05 4.96 -18.00
CA ASN D 33 -0.87 5.46 -19.02
C ASN D 33 -0.47 5.15 -20.45
N CYS D 34 0.77 4.74 -20.69
CA CYS D 34 1.28 4.64 -22.06
C CYS D 34 1.96 3.32 -22.36
N GLN D 35 2.67 2.75 -21.38
CA GLN D 35 3.63 1.69 -21.63
C GLN D 35 3.00 0.44 -22.17
N ALA D 36 1.76 0.16 -21.75
CA ALA D 36 1.06 -1.04 -22.20
C ALA D 36 0.98 -1.16 -23.72
N CYS D 37 0.91 -0.02 -24.42
CA CYS D 37 0.82 0.00 -25.87
C CYS D 37 2.06 0.45 -26.60
N HIS D 38 3.00 1.14 -25.94
CA HIS D 38 4.14 1.78 -26.61
C HIS D 38 5.47 1.23 -26.12
N GLY D 39 5.47 0.34 -25.13
CA GLY D 39 6.72 -0.14 -24.56
C GLY D 39 7.17 0.71 -23.39
N SER D 40 8.14 0.17 -22.65
CA SER D 40 8.74 0.92 -21.55
C SER D 40 9.34 2.22 -22.04
N ILE D 41 9.50 3.19 -21.14
CA ILE D 41 9.88 4.52 -21.58
C ILE D 41 11.28 4.52 -22.22
N THR D 42 12.19 3.66 -21.75
CA THR D 42 13.52 3.61 -22.35
C THR D 42 13.52 2.83 -23.66
N ASN D 43 12.48 2.05 -23.93
CA ASN D 43 12.33 1.32 -25.18
C ASN D 43 11.00 1.70 -25.86
N SER D 44 10.68 3.00 -25.86
CA SER D 44 9.38 3.43 -26.37
C SER D 44 9.39 3.56 -27.90
N ASP D 45 8.26 3.21 -28.54
CA ASP D 45 8.18 3.34 -29.98
C ASP D 45 7.60 4.69 -30.42
N ILE D 46 7.44 5.64 -29.49
CA ILE D 46 6.85 6.94 -29.80
C ILE D 46 7.85 7.80 -30.51
N GLN D 47 7.42 8.40 -31.63
CA GLN D 47 8.32 9.20 -32.45
C GLN D 47 8.38 10.65 -31.99
N THR D 48 7.25 11.33 -31.92
CA THR D 48 7.25 12.77 -31.67
C THR D 48 6.87 12.96 -30.21
N ARG D 49 7.88 13.31 -29.41
CA ARG D 49 7.77 13.32 -27.97
C ARG D 49 7.55 14.76 -27.51
N THR D 50 6.36 15.27 -27.84
CA THR D 50 5.99 16.65 -27.54
C THR D 50 4.55 16.68 -27.04
N VAL D 51 4.24 17.70 -26.21
CA VAL D 51 2.86 17.90 -25.76
C VAL D 51 1.92 17.94 -26.94
N SER D 52 2.33 18.65 -28.00
CA SER D 52 1.45 18.87 -29.15
C SER D 52 1.10 17.55 -29.81
N ALA D 53 2.10 16.70 -30.02
CA ALA D 53 1.89 15.40 -30.66
C ALA D 53 1.02 14.51 -29.79
N ILE D 54 1.26 14.47 -28.49
CA ILE D 54 0.45 13.66 -27.58
C ILE D 54 -0.99 14.14 -27.60
N GLN D 55 -1.19 15.46 -27.48
CA GLN D 55 -2.56 15.96 -27.47
C GLN D 55 -3.25 15.64 -28.78
N SER D 56 -2.52 15.72 -29.90
CA SER D 56 -3.13 15.44 -31.19
C SER D 56 -3.54 13.98 -31.33
N ALA D 57 -2.72 13.07 -30.79
CA ALA D 57 -3.07 11.65 -30.87
C ALA D 57 -4.26 11.31 -29.98
N ILE D 58 -4.32 11.90 -28.77
CA ILE D 58 -5.51 11.74 -27.93
C ILE D 58 -6.74 12.24 -28.69
N SER D 59 -6.70 13.48 -29.18
CA SER D 59 -7.87 14.09 -29.82
C SER D 59 -8.31 13.34 -31.08
N GLY D 60 -7.38 12.74 -31.83
CA GLY D 60 -7.66 11.91 -32.97
C GLY D 60 -7.89 10.45 -32.65
N ASN D 61 -7.84 10.10 -31.37
CA ASN D 61 -8.13 8.76 -30.90
C ASN D 61 -7.28 7.72 -31.60
N ARG D 62 -6.02 8.10 -31.89
CA ARG D 62 -5.09 7.13 -32.45
C ARG D 62 -4.89 5.99 -31.46
N GLY D 63 -5.10 4.77 -31.95
CA GLY D 63 -4.95 3.58 -31.15
C GLY D 63 -5.91 3.48 -30.00
N GLY D 64 -6.97 4.28 -30.00
CA GLY D 64 -7.88 4.34 -28.88
C GLY D 64 -7.48 5.26 -27.76
N MET D 65 -6.48 6.13 -27.98
CA MET D 65 -5.98 7.01 -26.93
C MET D 65 -6.97 8.06 -26.40
N GLY D 66 -8.15 8.15 -27.02
CA GLY D 66 -9.07 9.18 -26.59
C GLY D 66 -9.46 9.07 -25.12
N PHE D 67 -9.34 7.86 -24.54
CA PHE D 67 -9.64 7.68 -23.12
C PHE D 67 -8.71 8.54 -22.24
N LEU D 68 -7.60 9.02 -22.79
CA LEU D 68 -6.61 9.79 -22.03
C LEU D 68 -6.97 11.27 -21.93
N SER D 69 -8.22 11.63 -22.25
CA SER D 69 -8.75 12.94 -21.88
C SER D 69 -8.64 13.21 -20.38
N THR D 70 -8.46 12.15 -19.58
CA THR D 70 -8.28 12.29 -18.13
C THR D 70 -6.94 12.92 -17.72
N LEU D 71 -5.96 12.96 -18.62
CA LEU D 71 -4.70 13.60 -18.27
C LEU D 71 -4.84 15.12 -18.28
N THR D 72 -4.23 15.76 -17.28
CA THR D 72 -4.05 17.21 -17.29
C THR D 72 -2.92 17.57 -18.25
N SER D 73 -2.86 18.86 -18.61
CA SER D 73 -1.77 19.33 -19.43
C SER D 73 -0.45 19.29 -18.67
N ALA D 74 -0.48 19.57 -17.36
CA ALA D 74 0.73 19.41 -16.57
C ALA D 74 1.27 18.00 -16.69
N GLU D 75 0.38 17.01 -16.70
CA GLU D 75 0.80 15.61 -16.77
C GLU D 75 1.34 15.28 -18.16
N ILE D 76 0.63 15.70 -19.22
CA ILE D 76 1.15 15.50 -20.58
C ILE D 76 2.54 16.13 -20.74
N GLN D 77 2.73 17.34 -20.21
CA GLN D 77 4.04 17.95 -20.28
C GLN D 77 5.11 17.11 -19.59
N ALA D 78 4.79 16.58 -18.40
CA ALA D 78 5.76 15.76 -17.69
C ALA D 78 6.09 14.48 -18.46
N ILE D 79 5.08 13.89 -19.09
CA ILE D 79 5.33 12.68 -19.88
C ILE D 79 6.25 12.99 -21.07
N ALA D 80 5.95 14.09 -21.77
CA ALA D 80 6.72 14.47 -22.94
C ALA D 80 8.17 14.78 -22.57
N THR D 81 8.36 15.52 -21.49
CA THR D 81 9.71 15.82 -21.00
C THR D 81 10.48 14.52 -20.72
N SER D 82 9.88 13.63 -19.92
CA SER D 82 10.51 12.35 -19.63
C SER D 82 10.82 11.57 -20.91
N LEU D 83 9.86 11.48 -21.84
CA LEU D 83 10.11 10.74 -23.08
C LEU D 83 11.29 11.33 -23.85
N ALA D 84 11.34 12.65 -23.97
CA ALA D 84 12.37 13.25 -24.80
C ALA D 84 13.75 13.09 -24.16
N SER D 85 13.82 13.06 -22.83
CA SER D 85 15.08 12.87 -22.14
C SER D 85 15.55 11.42 -22.16
N ALA D 86 14.63 10.47 -22.40
CA ALA D 86 15.02 9.06 -22.46
C ALA D 86 15.65 8.74 -23.82
N VAL D 87 15.66 9.73 -24.71
N ALA E 22 -8.97 18.35 -16.08
CA ALA E 22 -9.50 17.21 -16.89
C ALA E 22 -10.57 16.41 -16.15
N ASP E 23 -11.70 16.20 -16.83
CA ASP E 23 -12.72 15.33 -16.27
C ASP E 23 -12.14 13.94 -16.06
N GLY E 24 -12.47 13.34 -14.93
CA GLY E 24 -12.02 12.00 -14.64
C GLY E 24 -10.60 11.90 -14.14
N ASN E 25 -9.92 13.04 -13.96
CA ASN E 25 -8.50 13.04 -13.60
C ASN E 25 -8.26 12.43 -12.23
N GLY E 26 -8.99 12.90 -11.21
CA GLY E 26 -8.78 12.38 -9.86
C GLY E 26 -9.16 10.92 -9.76
N SER E 27 -10.26 10.52 -10.41
CA SER E 27 -10.66 9.11 -10.36
C SER E 27 -9.65 8.23 -11.10
N ALA E 28 -9.12 8.69 -12.24
CA ALA E 28 -8.11 7.89 -12.94
C ALA E 28 -6.84 7.76 -12.10
N LEU E 29 -6.39 8.88 -11.52
CA LEU E 29 -5.22 8.83 -10.63
C LEU E 29 -5.42 7.82 -9.51
N TYR E 30 -6.56 7.88 -8.82
CA TYR E 30 -6.85 6.91 -7.77
C TYR E 30 -6.85 5.48 -8.32
N GLY E 31 -7.45 5.28 -9.49
CA GLY E 31 -7.47 3.93 -10.05
C GLY E 31 -6.07 3.40 -10.34
N ASN E 32 -5.18 4.27 -10.79
CA ASN E 32 -3.85 3.86 -11.21
C ASN E 32 -2.88 3.72 -10.04
N ASN E 33 -3.16 4.38 -8.93
CA ASN E 33 -2.16 4.58 -7.88
C ASN E 33 -2.60 4.11 -6.49
N CYS E 34 -3.90 3.88 -6.26
CA CYS E 34 -4.38 3.63 -4.90
C CYS E 34 -5.25 2.38 -4.83
N GLN E 35 -6.01 2.13 -5.91
CA GLN E 35 -7.10 1.17 -5.83
C GLN E 35 -6.64 -0.23 -5.45
N ALA E 36 -5.45 -0.63 -5.90
CA ALA E 36 -5.00 -2.01 -5.62
C ALA E 36 -4.96 -2.28 -4.11
N CYS E 37 -4.72 -1.27 -3.30
CA CYS E 37 -4.56 -1.51 -1.88
C CYS E 37 -5.74 -1.03 -1.03
N HIS E 38 -6.55 -0.12 -1.55
CA HIS E 38 -7.61 0.51 -0.79
C HIS E 38 -9.01 0.27 -1.35
N GLY E 39 -9.12 -0.41 -2.50
CA GLY E 39 -10.39 -0.71 -3.12
C GLY E 39 -10.84 0.37 -4.09
N SER E 40 -11.94 0.10 -4.80
CA SER E 40 -12.41 1.09 -5.75
C SER E 40 -12.78 2.38 -5.02
N ILE E 41 -12.81 3.48 -5.77
CA ILE E 41 -12.97 4.80 -5.15
C ILE E 41 -14.32 4.96 -4.45
N THR E 42 -15.35 4.27 -4.92
CA THR E 42 -16.67 4.41 -4.30
C THR E 42 -16.86 3.48 -3.11
N ASN E 43 -15.95 2.52 -2.91
CA ASN E 43 -15.96 1.65 -1.75
C ASN E 43 -14.58 1.61 -1.11
N SER E 44 -13.93 2.77 -1.02
CA SER E 44 -12.56 2.84 -0.52
C SER E 44 -12.55 2.71 1.00
N ASP E 45 -11.48 2.12 1.54
CA ASP E 45 -11.33 2.00 2.98
C ASP E 45 -10.50 3.12 3.57
N ILE E 46 -10.19 4.15 2.77
CA ILE E 46 -9.41 5.28 3.26
C ILE E 46 -10.28 6.11 4.19
N GLN E 47 -9.75 6.45 5.35
CA GLN E 47 -10.55 7.11 6.37
C GLN E 47 -10.47 8.64 6.28
N THR E 48 -9.27 9.19 6.28
CA THR E 48 -9.07 10.64 6.21
C THR E 48 -8.73 11.00 4.78
N ARG E 49 -9.67 11.67 4.13
CA ARG E 49 -9.62 11.94 2.69
C ARG E 49 -9.25 13.40 2.45
N THR E 50 -8.05 13.75 2.94
CA THR E 50 -7.49 15.09 2.82
C THR E 50 -6.11 15.03 2.15
N VAL E 51 -5.67 16.17 1.64
CA VAL E 51 -4.32 16.26 1.11
C VAL E 51 -3.28 15.97 2.19
N SER E 52 -3.47 16.57 3.38
CA SER E 52 -2.52 16.35 4.45
C SER E 52 -2.41 14.87 4.81
N ALA E 53 -3.54 14.17 4.88
CA ALA E 53 -3.47 12.76 5.26
C ALA E 53 -2.72 11.94 4.22
N ILE E 54 -3.01 12.19 2.94
CA ILE E 54 -2.35 11.47 1.85
C ILE E 54 -0.85 11.78 1.85
N GLN E 55 -0.50 13.06 1.92
N GLN E 55 -0.50 13.06 1.87
CA GLN E 55 0.90 13.46 1.92
CA GLN E 55 0.91 13.44 1.95
C GLN E 55 1.64 12.89 3.13
C GLN E 55 1.61 12.75 3.10
N SER E 56 0.98 12.77 4.28
CA SER E 56 1.67 12.22 5.44
CA SER E 56 1.63 12.20 5.46
C SER E 56 1.85 10.72 5.30
N ALA E 57 0.87 10.03 4.71
CA ALA E 57 0.98 8.58 4.54
C ALA E 57 2.11 8.25 3.56
N ILE E 58 2.21 9.03 2.48
CA ILE E 58 3.29 8.81 1.52
C ILE E 58 4.65 9.09 2.18
N SER E 59 4.78 10.25 2.81
CA SER E 59 6.04 10.58 3.48
C SER E 59 6.41 9.54 4.52
N GLY E 60 5.43 9.03 5.25
CA GLY E 60 5.69 8.01 6.23
C GLY E 60 5.85 6.62 5.70
N ASN E 61 5.77 6.43 4.39
CA ASN E 61 5.85 5.10 3.79
C ASN E 61 4.85 4.12 4.39
N ARG E 62 3.65 4.63 4.69
CA ARG E 62 2.61 3.78 5.25
C ARG E 62 2.19 2.74 4.22
N GLY E 63 2.24 1.46 4.61
CA GLY E 63 1.85 0.40 3.72
C GLY E 63 2.73 0.29 2.49
N GLY E 64 3.93 0.85 2.52
CA GLY E 64 4.76 0.85 1.32
C GLY E 64 4.50 2.01 0.38
N MET E 65 3.71 3.00 0.77
CA MET E 65 3.22 4.09 -0.08
C MET E 65 4.34 5.07 -0.45
N GLY E 66 5.53 4.90 0.08
CA GLY E 66 6.61 5.82 -0.20
C GLY E 66 6.96 5.93 -1.67
N PHE E 67 6.75 4.86 -2.43
CA PHE E 67 6.99 4.90 -3.87
C PHE E 67 6.15 5.96 -4.56
N LEU E 68 5.04 6.41 -3.94
CA LEU E 68 4.17 7.44 -4.50
C LEU E 68 4.73 8.84 -4.30
N SER E 69 5.99 8.98 -3.90
CA SER E 69 6.68 10.27 -4.03
C SER E 69 6.65 10.81 -5.45
N THR E 70 6.32 9.98 -6.43
CA THR E 70 6.21 10.43 -7.81
C THR E 70 4.98 11.29 -8.08
N LEU E 71 4.01 11.36 -7.16
CA LEU E 71 2.85 12.21 -7.35
C LEU E 71 3.18 13.66 -7.08
N THR E 72 2.67 14.54 -7.93
CA THR E 72 2.73 15.96 -7.69
C THR E 72 1.67 16.33 -6.65
N SER E 73 1.81 17.53 -6.09
CA SER E 73 0.79 17.98 -5.14
C SER E 73 -0.53 18.24 -5.86
N ALA E 74 -0.49 18.60 -7.14
CA ALA E 74 -1.72 18.72 -7.91
C ALA E 74 -2.44 17.38 -8.00
N GLU E 75 -1.69 16.30 -8.24
CA GLU E 75 -2.31 14.99 -8.38
C GLU E 75 -2.90 14.52 -7.04
N ILE E 76 -2.13 14.70 -5.96
CA ILE E 76 -2.64 14.41 -4.63
C ILE E 76 -3.94 15.17 -4.36
N GLN E 77 -3.94 16.46 -4.69
CA GLN E 77 -5.16 17.24 -4.48
C GLN E 77 -6.33 16.72 -5.31
N ALA E 78 -6.07 16.31 -6.56
CA ALA E 78 -7.16 15.77 -7.37
C ALA E 78 -7.70 14.48 -6.76
N ILE E 79 -6.79 13.63 -6.28
CA ILE E 79 -7.23 12.37 -5.70
C ILE E 79 -8.06 12.64 -4.44
N ALA E 80 -7.56 13.51 -3.57
CA ALA E 80 -8.31 13.83 -2.36
C ALA E 80 -9.71 14.34 -2.68
N THR E 81 -9.83 15.18 -3.71
CA THR E 81 -11.14 15.72 -4.06
C THR E 81 -12.06 14.63 -4.58
N SER E 82 -11.56 13.76 -5.46
CA SER E 82 -12.39 12.65 -5.93
C SER E 82 -12.75 11.72 -4.77
N LEU E 83 -11.82 11.53 -3.84
CA LEU E 83 -12.08 10.65 -2.71
C LEU E 83 -13.15 11.26 -1.81
N ALA E 84 -13.02 12.55 -1.51
CA ALA E 84 -13.98 13.21 -0.63
C ALA E 84 -15.35 13.26 -1.26
N SER E 85 -15.43 13.55 -2.56
CA SER E 85 -16.73 13.64 -3.23
C SER E 85 -17.43 12.29 -3.23
N ALA E 86 -16.69 11.19 -3.37
CA ALA E 86 -17.30 9.88 -3.38
C ALA E 86 -17.86 9.54 -2.00
C ASP F 23 14.94 -5.85 29.64
N GLY F 24 14.97 -4.85 30.51
CA GLY F 24 14.58 -3.49 30.14
C GLY F 24 13.09 -3.24 30.11
N ASN F 25 12.28 -4.27 30.35
CA ASN F 25 10.82 -4.14 30.26
C ASN F 25 10.28 -3.07 31.21
N GLY F 26 10.66 -3.14 32.49
CA GLY F 26 10.11 -2.20 33.45
C GLY F 26 10.53 -0.78 33.15
N SER F 27 11.81 -0.57 32.79
CA SER F 27 12.23 0.78 32.46
C SER F 27 11.51 1.31 31.23
N ALA F 28 11.32 0.46 30.22
CA ALA F 28 10.62 0.89 29.00
C ALA F 28 9.17 1.24 29.32
N LEU F 29 8.51 0.39 30.09
CA LEU F 29 7.15 0.69 30.56
C LEU F 29 7.10 2.03 31.29
N TYR F 30 8.02 2.26 32.24
CA TYR F 30 8.09 3.53 32.95
C TYR F 30 8.27 4.69 31.97
N GLY F 31 9.18 4.54 31.01
CA GLY F 31 9.44 5.63 30.07
C GLY F 31 8.22 5.98 29.24
N ASN F 32 7.44 4.98 28.84
CA ASN F 32 6.28 5.19 28.00
C ASN F 32 5.04 5.64 28.76
N ASN F 33 4.98 5.39 30.07
CA ASN F 33 3.74 5.56 30.80
C ASN F 33 3.82 6.54 31.97
N CYS F 34 5.01 6.80 32.51
CA CYS F 34 5.13 7.55 33.76
C CYS F 34 6.01 8.76 33.62
N GLN F 35 7.04 8.70 32.74
CA GLN F 35 8.12 9.67 32.74
C GLN F 35 7.63 11.09 32.50
N ALA F 36 6.64 11.24 31.62
CA ALA F 36 6.14 12.55 31.27
C ALA F 36 5.69 13.35 32.48
N CYS F 37 5.24 12.68 33.53
CA CYS F 37 4.76 13.41 34.70
C CYS F 37 5.66 13.30 35.93
N HIS F 38 6.51 12.28 36.01
CA HIS F 38 7.27 12.03 37.23
C HIS F 38 8.77 12.15 37.01
N GLY F 39 9.23 12.34 35.77
CA GLY F 39 10.63 12.41 35.43
C GLY F 39 11.21 11.05 35.13
N SER F 40 12.48 11.07 34.68
CA SER F 40 13.12 9.82 34.27
C SER F 40 13.24 8.87 35.47
N ILE F 41 13.29 7.58 35.18
CA ILE F 41 13.24 6.60 36.26
C ILE F 41 14.36 6.80 37.29
N THR F 42 15.52 7.30 36.87
CA THR F 42 16.60 7.53 37.84
C THR F 42 16.42 8.84 38.60
N ASN F 43 15.68 9.79 38.04
CA ASN F 43 15.42 11.08 38.69
C ASN F 43 13.94 11.23 39.02
N SER F 44 13.29 10.15 39.42
CA SER F 44 11.82 10.16 39.59
C SER F 44 11.42 10.80 40.91
N ASP F 45 10.28 11.52 40.90
CA ASP F 45 9.73 12.14 42.10
C ASP F 45 8.71 11.24 42.82
N ILE F 46 8.55 10.00 42.37
CA ILE F 46 7.62 9.08 43.01
C ILE F 46 8.15 8.68 44.38
N GLN F 47 7.31 8.79 45.40
CA GLN F 47 7.75 8.54 46.77
C GLN F 47 7.59 7.09 47.20
N THR F 48 6.41 6.49 47.03
CA THR F 48 6.16 5.11 47.43
C THR F 48 6.19 4.23 46.18
N ARG F 49 7.24 3.43 46.05
CA ARG F 49 7.49 2.69 44.81
C ARG F 49 7.13 1.21 44.98
N THR F 50 5.86 1.00 45.33
CA THR F 50 5.30 -0.33 45.54
C THR F 50 4.19 -0.58 44.53
N VAL F 51 3.89 -1.85 44.32
CA VAL F 51 2.75 -2.20 43.48
C VAL F 51 1.48 -1.58 44.04
N SER F 52 1.29 -1.65 45.36
CA SER F 52 0.09 -1.13 45.99
C SER F 52 -0.04 0.37 45.79
N ALA F 53 1.04 1.12 45.96
CA ALA F 53 0.97 2.57 45.77
C ALA F 53 0.58 2.91 44.34
N ILE F 54 1.14 2.19 43.37
CA ILE F 54 0.88 2.48 41.97
C ILE F 54 -0.57 2.18 41.63
N GLN F 55 -1.05 0.99 42.02
N GLN F 55 -1.06 1.00 42.05
CA GLN F 55 -2.44 0.64 41.84
CA GLN F 55 -2.45 0.64 41.79
C GLN F 55 -3.37 1.67 42.45
C GLN F 55 -3.42 1.59 42.48
N SER F 56 -3.09 2.07 43.69
CA SER F 56 -3.98 2.96 44.40
C SER F 56 -4.03 4.32 43.74
N ALA F 57 -2.90 4.75 43.17
CA ALA F 57 -2.86 6.04 42.50
C ALA F 57 -3.62 5.98 41.18
N ILE F 58 -3.55 4.85 40.47
CA ILE F 58 -4.31 4.68 39.24
C ILE F 58 -5.80 4.61 39.56
N SER F 59 -6.15 3.79 40.56
CA SER F 59 -7.56 3.59 40.93
C SER F 59 -8.20 4.91 41.38
N GLY F 60 -7.45 5.72 42.10
CA GLY F 60 -7.85 7.01 42.56
C GLY F 60 -7.75 8.12 41.57
N ASN F 61 -7.28 7.82 40.37
CA ASN F 61 -7.16 8.81 39.30
C ASN F 61 -6.28 9.96 39.73
N ARG F 62 -5.26 9.67 40.54
CA ARG F 62 -4.35 10.70 41.01
C ARG F 62 -3.66 11.37 39.83
N GLY F 63 -3.71 12.70 39.75
CA GLY F 63 -3.09 13.41 38.65
C GLY F 63 -3.61 13.00 37.29
N GLY F 64 -4.79 12.40 37.21
CA GLY F 64 -5.30 11.94 35.93
C GLY F 64 -4.88 10.54 35.55
N MET F 65 -4.21 9.81 36.44
CA MET F 65 -3.63 8.51 36.15
C MET F 65 -4.64 7.40 35.88
N GLY F 66 -5.93 7.65 36.06
CA GLY F 66 -6.91 6.62 35.79
C GLY F 66 -6.84 6.03 34.39
N PHE F 67 -6.34 6.79 33.41
CA PHE F 67 -6.20 6.25 32.07
C PHE F 67 -5.25 5.05 32.04
N LEU F 68 -4.37 4.92 33.06
CA LEU F 68 -3.45 3.78 33.15
C LEU F 68 -4.11 2.53 33.68
N SER F 69 -5.44 2.47 33.70
CA SER F 69 -6.12 1.20 33.92
C SER F 69 -5.80 0.19 32.84
N THR F 70 -5.17 0.62 31.73
CA THR F 70 -4.77 -0.27 30.66
C THR F 70 -3.58 -1.16 31.03
N LEU F 71 -2.84 -0.84 32.09
CA LEU F 71 -1.71 -1.65 32.51
C LEU F 71 -2.20 -2.92 33.22
N THR F 72 -1.57 -4.04 32.86
CA THR F 72 -1.83 -5.29 33.53
C THR F 72 -1.08 -5.33 34.87
N SER F 73 -1.44 -6.30 35.72
CA SER F 73 -0.76 -6.37 37.01
C SER F 73 0.71 -6.75 36.81
N ALA F 74 1.00 -7.58 35.81
CA ALA F 74 2.40 -7.90 35.50
C ALA F 74 3.19 -6.63 35.15
N GLU F 75 2.57 -5.72 34.38
CA GLU F 75 3.24 -4.48 33.99
C GLU F 75 3.50 -3.56 35.19
N ILE F 76 2.50 -3.42 36.07
CA ILE F 76 2.69 -2.62 37.26
C ILE F 76 3.82 -3.18 38.12
N GLN F 77 3.88 -4.51 38.25
CA GLN F 77 4.96 -5.13 39.01
C GLN F 77 6.33 -4.86 38.37
N ALA F 78 6.41 -4.93 37.04
CA ALA F 78 7.67 -4.66 36.39
C ALA F 78 8.11 -3.23 36.63
N ILE F 79 7.16 -2.29 36.60
CA ILE F 79 7.51 -0.91 36.83
C ILE F 79 7.99 -0.72 38.27
N ALA F 80 7.31 -1.33 39.22
CA ALA F 80 7.73 -1.22 40.62
C ALA F 80 9.13 -1.80 40.83
N THR F 81 9.40 -2.95 40.22
CA THR F 81 10.72 -3.57 40.36
C THR F 81 11.82 -2.65 39.82
N SER F 82 11.58 -2.03 38.68
CA SER F 82 12.55 -1.11 38.12
C SER F 82 12.65 0.18 38.93
N LEU F 83 11.52 0.68 39.42
CA LEU F 83 11.51 1.87 40.27
C LEU F 83 12.25 1.61 41.56
N ALA F 84 11.92 0.50 42.23
CA ALA F 84 12.62 0.13 43.45
C ALA F 84 14.13 0.08 43.23
N SER F 85 14.56 -0.61 42.15
CA SER F 85 15.99 -0.82 41.94
C SER F 85 16.72 0.43 41.48
N ALA F 86 16.01 1.49 41.10
CA ALA F 86 16.65 2.75 40.74
C ALA F 86 16.92 3.60 41.96
S SO4 G . -8.14 -3.43 23.22
O1 SO4 G . -6.96 -2.97 23.90
O2 SO4 G . -7.81 -3.75 21.81
O3 SO4 G . -9.22 -2.44 23.24
O4 SO4 G . -8.60 -4.67 23.82
S SO4 H . -4.08 7.26 11.43
O1 SO4 H . -3.90 8.05 10.22
O2 SO4 H . -3.02 6.23 11.49
O3 SO4 H . -4.03 8.13 12.61
O4 SO4 H . -5.42 6.65 11.41
FE HEC I . 7.06 -3.06 12.66
CHA HEC I . 7.72 -4.98 9.93
CHB HEC I . 4.81 -5.44 13.75
CHC HEC I . 6.80 -1.41 15.56
CHD HEC I . 8.75 -0.40 11.25
NA HEC I . 6.38 -4.86 12.02
C1A HEC I . 6.77 -5.45 10.81
C2A HEC I . 6.05 -6.72 10.65
C3A HEC I . 5.24 -6.86 11.69
C4A HEC I . 5.42 -5.70 12.55
CMA HEC I . 4.27 -8.03 11.96
CAA HEC I . 6.20 -7.68 9.44
CBA HEC I . 5.51 -7.10 8.22
CGA HEC I . 3.99 -7.25 8.28
O1A HEC I . 3.30 -6.26 8.02
O2A HEC I . 3.47 -8.35 8.60
NB HEC I . 6.03 -3.35 14.33
C1B HEC I . 5.17 -4.40 14.56
C2B HEC I . 4.68 -4.26 15.91
C3B HEC I . 5.20 -3.15 16.42
C4B HEC I . 6.10 -2.56 15.42
CMB HEC I . 3.63 -5.21 16.51
CAB HEC I . 4.97 -2.57 17.81
CBB HEC I . 5.34 -3.64 18.86
NC HEC I . 7.65 -1.19 13.24
C1C HEC I . 7.52 -0.78 14.56
C2C HEC I . 8.27 0.44 14.72
C3C HEC I . 8.83 0.77 13.53
C4C HEC I . 8.45 -0.27 12.59
CMC HEC I . 8.33 1.21 16.06
CAC HEC I . 9.65 2.03 13.18
CBC HEC I . 10.91 2.24 14.04
ND HEC I . 8.08 -2.76 10.88
C1D HEC I . 8.62 -1.54 10.51
C2D HEC I . 9.16 -1.68 9.17
C3D HEC I . 8.87 -3.11 8.75
C4D HEC I . 8.16 -3.71 9.87
CMD HEC I . 9.84 -0.57 8.41
CAD HEC I . 9.24 -3.77 7.39
CBD HEC I . 8.28 -3.51 6.26
CGD HEC I . 9.04 -3.91 5.00
O1D HEC I . 8.96 -3.19 3.97
O2D HEC I . 9.77 -4.95 5.05
S SO4 J . 7.56 -11.73 -22.13
O1 SO4 J . 7.84 -10.86 -23.25
O2 SO4 J . 8.68 -11.63 -21.17
O3 SO4 J . 7.44 -13.13 -22.53
O4 SO4 J . 6.36 -11.30 -21.41
FE HEC K . 8.80 -6.31 -4.34
CHA HEC K . 11.12 -7.25 -2.04
CHB HEC K . 9.57 -9.15 -6.24
CHC HEC K . 6.14 -5.71 -6.30
CHD HEC K . 8.51 -3.22 -2.87
NA HEC K . 10.06 -7.92 -4.19
C1A HEC K . 10.98 -8.06 -3.15
C2A HEC K . 11.73 -9.28 -3.39
C3A HEC K . 11.30 -9.82 -4.55
C4A HEC K . 10.28 -8.96 -5.08
CMA HEC K . 11.83 -11.10 -5.21
CAA HEC K . 12.83 -9.82 -2.46
CBA HEC K . 14.07 -8.96 -2.66
CGA HEC K . 14.83 -9.25 -3.95
O1A HEC K . 15.18 -8.27 -4.66
O2A HEC K . 15.10 -10.42 -4.27
NB HEC K . 8.00 -7.25 -5.98
C1B HEC K . 8.45 -8.40 -6.57
C2B HEC K . 7.50 -8.76 -7.59
C3B HEC K . 6.56 -7.80 -7.65
C4B HEC K . 6.85 -6.84 -6.60
CMB HEC K . 7.75 -9.97 -8.53
CAB HEC K . 5.32 -7.66 -8.58
CBB HEC K . 4.39 -8.90 -8.60
NC HEC K . 7.60 -4.72 -4.57
C1C HEC K . 6.48 -4.73 -5.39
C2C HEC K . 5.61 -3.62 -5.01
C3C HEC K . 6.34 -2.83 -4.19
C4C HEC K . 7.54 -3.56 -3.83
CMC HEC K . 4.39 -3.23 -5.91
CAC HEC K . 5.99 -1.43 -3.61
CBC HEC K . 4.56 -1.21 -3.13
ND HEC K . 9.69 -5.42 -2.71
C1D HEC K . 9.45 -4.09 -2.37
C2D HEC K . 10.32 -3.72 -1.26
C3D HEC K . 11.11 -4.98 -0.96
C4D HEC K . 10.67 -5.97 -1.92
CMD HEC K . 10.34 -2.34 -0.65
CAD HEC K . 12.19 -5.12 0.13
CBD HEC K . 13.39 -4.23 -0.19
CGD HEC K . 14.28 -4.27 1.05
O1D HEC K . 15.07 -3.33 1.28
O2D HEC K . 14.20 -5.28 1.80
S SO4 L . -2.79 -19.31 -22.65
O1 SO4 L . -2.10 -18.02 -22.56
O2 SO4 L . -2.86 -19.72 -24.05
O3 SO4 L . -2.04 -20.35 -21.93
O4 SO4 L . -4.13 -19.18 -22.10
S SO4 M . -12.25 -12.16 -7.67
O1 SO4 M . -11.68 -10.85 -7.97
O2 SO4 M . -11.59 -13.17 -8.51
O3 SO4 M . -12.07 -12.53 -6.27
O4 SO4 M . -13.69 -12.06 -7.91
S SO4 N . -21.51 -5.33 -30.01
O1 SO4 N . -22.28 -6.27 -30.82
O2 SO4 N . -20.68 -4.49 -30.90
O3 SO4 N . -20.63 -6.05 -29.11
O4 SO4 N . -22.43 -4.51 -29.21
FE HEC O . -13.06 -2.82 -23.94
CHA HEC O . -15.62 -2.72 -26.25
CHB HEC O . -14.40 -5.67 -22.61
CHC HEC O . -10.34 -3.13 -21.89
CHD HEC O . -12.07 0.29 -24.80
NA HEC O . -14.73 -3.96 -24.37
C1A HEC O . -15.61 -3.80 -25.41
C2A HEC O . -16.53 -4.92 -25.41
C3A HEC O . -16.19 -5.73 -24.39
C4A HEC O . -15.05 -5.15 -23.72
CMA HEC O . -16.80 -7.06 -23.96
CAA HEC O . -17.71 -5.15 -26.41
CBA HEC O . -18.81 -4.11 -26.09
CGA HEC O . -19.51 -4.44 -24.78
O1A HEC O . -19.57 -3.57 -23.88
O2A HEC O . -19.96 -5.60 -24.63
NB HEC O . -12.50 -4.11 -22.49
C1B HEC O . -13.16 -5.27 -22.15
C2B HEC O . -12.29 -6.02 -21.28
C3B HEC O . -11.18 -5.31 -21.08
C4B HEC O . -11.28 -4.10 -21.85
CMB HEC O . -12.67 -7.38 -20.66
CAB HEC O . -9.88 -5.64 -20.32
CBB HEC O . -9.59 -7.16 -20.22
NC HEC O . -11.52 -1.66 -23.43
C1C HEC O . -10.44 -1.97 -22.59
C2C HEC O . -9.51 -0.87 -22.57
C3C HEC O . -9.94 0.03 -23.46
C4C HEC O . -11.25 -0.43 -23.95
CMC HEC O . -8.14 -0.91 -21.84
CAC HEC O . -9.39 1.43 -23.81
CBC HEC O . -7.86 1.52 -23.89
ND HEC O . -13.68 -1.47 -25.32
C1D HEC O . -13.21 -0.18 -25.40
C2D HEC O . -14.07 0.62 -26.24
C3D HEC O . -15.17 -0.31 -26.68
C4D HEC O . -14.85 -1.60 -26.09
CMD HEC O . -13.92 2.12 -26.59
CAD HEC O . -16.35 0.04 -27.60
CBD HEC O . -17.60 0.40 -26.80
CGD HEC O . -17.32 0.99 -25.46
O1D HEC O . -17.44 0.26 -24.44
O2D HEC O . -17.02 2.20 -25.39
S SO4 P . 11.64 11.33 -14.66
O1 SO4 P . 11.72 12.67 -14.09
O2 SO4 P . 11.82 11.43 -16.11
O3 SO4 P . 12.65 10.46 -14.07
O4 SO4 P . 10.31 10.77 -14.38
S SO4 Q . -6.19 20.81 -17.59
O1 SO4 Q . -6.50 22.22 -17.82
O2 SO4 Q . -4.77 20.63 -17.75
O3 SO4 Q . -6.94 19.98 -18.52
O4 SO4 Q . -6.62 20.45 -16.22
S SO4 R . 10.40 -3.13 -22.66
O1 SO4 R . 10.67 -4.20 -23.63
O2 SO4 R . 11.64 -2.41 -22.37
O3 SO4 R . 9.95 -3.69 -21.37
O4 SO4 R . 9.37 -2.26 -23.24
FE HEC S . -0.19 6.33 -28.14
CHA HEC S . -0.03 7.09 -31.48
CHB HEC S . 1.88 8.95 -27.40
CHC HEC S . -0.80 5.82 -24.82
CHD HEC S . -1.70 3.28 -28.88
NA HEC S . 0.78 7.75 -29.22
C1A HEC S . 0.71 7.88 -30.61
C2A HEC S . 1.48 9.06 -30.99
C3A HEC S . 1.99 9.58 -29.86
C4A HEC S . 1.57 8.76 -28.74
CMA HEC S . 2.92 10.82 -29.73
CAA HEC S . 1.66 9.54 -32.44
CBA HEC S . 2.64 8.62 -33.16
CGA HEC S . 4.08 8.83 -32.71
O1A HEC S . 4.72 7.82 -32.41
O2A HEC S . 4.55 10.00 -32.65
NB HEC S . 0.41 7.21 -26.42
C1B HEC S . 1.25 8.31 -26.36
C2B HEC S . 1.33 8.73 -24.99
C3B HEC S . 0.61 7.85 -24.27
C4B HEC S . -0.01 6.90 -25.16
CMB HEC S . 2.23 9.89 -24.52
CAB HEC S . 0.37 7.83 -22.74
CBB HEC S . -0.13 9.21 -22.25
NC HEC S . -1.05 4.77 -27.07
C1C HEC S . -1.27 4.84 -25.70
C2C HEC S . -2.15 3.73 -25.35
C3C HEC S . -2.34 2.97 -26.45
C4C HEC S . -1.71 3.65 -27.57
CMC HEC S . -2.53 3.39 -23.88
CAC HEC S . -3.10 1.61 -26.55
CBC HEC S . -4.54 1.69 -26.00
ND HEC S . -0.81 5.38 -29.91
C1D HEC S . -1.31 4.09 -29.95
C2D HEC S . -1.48 3.69 -31.35
C3D HEC S . -0.99 4.87 -32.14
C4D HEC S . -0.58 5.87 -31.18
CMD HEC S . -2.03 2.35 -31.84
CAD HEC S . -0.95 5.00 -33.68
CBD HEC S . 0.33 4.51 -34.33
CGD HEC S . -0.04 4.33 -35.80
O1D HEC S . -0.64 5.28 -36.38
O2D HEC S . 0.24 3.24 -36.38
S SO4 T . 5.25 19.04 -6.77
O1 SO4 T . 6.10 20.20 -6.55
O2 SO4 T . 5.64 18.35 -8.00
O3 SO4 T . 5.40 18.15 -5.63
O4 SO4 T . 3.85 19.44 -6.87
S SO4 U . -13.35 12.81 -11.09
O1 SO4 U . -13.16 14.26 -11.20
O2 SO4 U . -12.08 12.21 -11.50
O3 SO4 U . -13.66 12.40 -9.73
O4 SO4 U . -14.44 12.36 -11.94
FE HEC V . -2.55 4.01 1.29
CHA HEC V . -2.80 4.09 4.78
CHB HEC V . -4.21 6.99 1.19
CHC HEC V . -2.14 4.05 -2.08
CHD HEC V . -1.43 0.77 1.39
NA HEC V . -3.39 5.25 2.75
C1A HEC V . -3.27 5.19 4.12
C2A HEC V . -3.82 6.41 4.70
C3A HEC V . -4.21 7.18 3.68
C4A HEC V . -3.93 6.48 2.44
CMA HEC V . -4.83 8.59 3.71
CAA HEC V . -3.93 6.72 6.22
CBA HEC V . -5.03 5.85 6.80
CGA HEC V . -6.40 6.29 6.34
O1A HEC V . -7.13 5.45 5.78
O2A HEC V . -6.76 7.49 6.49
NB HEC V . -3.09 5.27 -0.16
C1B HEC V . -3.73 6.48 0.00
C2B HEC V . -3.79 7.11 -1.30
C3B HEC V . -3.26 6.27 -2.20
C4B HEC V . -2.76 5.13 -1.49
CMB HEC V . -4.49 8.43 -1.62
CAB HEC V . -3.13 6.53 -3.72
CBB HEC V . -2.41 7.87 -3.98
NC HEC V . -1.91 2.64 -0.10
C1C HEC V . -1.78 2.89 -1.45
C2C HEC V . -1.06 1.78 -2.03
C3C HEC V . -0.93 0.81 -1.10
C4C HEC V . -1.44 1.37 0.16
CMC HEC V . -0.84 1.62 -3.55
CAC HEC V . -0.38 -0.63 -1.26
CBC HEC V . 1.00 -0.65 -1.91
ND HEC V . -2.09 2.70 2.82
C1D HEC V . -1.83 1.35 2.58
C2D HEC V . -1.93 0.63 3.83
C3D HEC V . -2.37 1.65 4.85
C4D HEC V . -2.44 2.92 4.15
CMD HEC V . -1.74 -0.88 4.07
CAD HEC V . -2.68 1.36 6.32
CBD HEC V . -4.18 1.28 6.51
CGD HEC V . -4.91 0.48 5.44
O1D HEC V . -5.74 1.09 4.72
O2D HEC V . -4.71 -0.77 5.34
S SO4 W . -4.52 -8.29 34.33
O1 SO4 W . -4.95 -7.06 33.68
O2 SO4 W . -4.38 -9.33 33.32
O3 SO4 W . -3.22 -8.11 34.98
O4 SO4 W . -5.51 -8.64 35.33
S SO4 X . 14.82 -2.94 33.74
O1 SO4 X . 15.89 -2.24 33.01
O2 SO4 X . 13.52 -2.66 33.11
O3 SO4 X . 14.86 -2.50 35.12
O4 SO4 X . 15.07 -4.38 33.68
C1 EDO Y . -3.62 -1.97 45.48
O1 EDO Y . -4.15 -3.25 45.85
C2 EDO Y . -3.20 -1.20 46.73
O2 EDO Y . -4.34 -0.74 47.46
FE HEC Z . 1.63 9.30 38.91
CHA HEC Z . 0.90 10.46 42.10
CHB HEC Z . 2.93 6.48 40.30
CHC HEC Z . 2.10 8.04 35.72
CHD HEC Z . 0.80 12.31 37.54
NA HEC Z . 1.88 8.63 40.87
C1A HEC Z . 1.44 9.20 42.04
C2A HEC Z . 1.77 8.33 43.14
C3A HEC Z . 2.36 7.23 42.62
C4A HEC Z . 2.43 7.40 41.18
CMA HEC Z . 2.84 5.97 43.36
CAA HEC Z . 1.50 8.58 44.64
CBA HEC Z . 2.44 9.65 45.19
CGA HEC Z . 3.85 9.14 45.25
O1A HEC Z . 4.09 8.06 45.87
O2A HEC Z . 4.74 9.81 44.68
NB HEC Z . 2.32 7.59 38.18
C1B HEC Z . 2.86 6.56 38.92
C2B HEC Z . 3.28 5.54 37.98
C3B HEC Z . 3.08 5.99 36.74
C4B HEC Z . 2.45 7.29 36.83
CMB HEC Z . 4.03 4.22 38.33
CAB HEC Z . 3.41 5.22 35.45
CBB HEC Z . 2.70 3.86 35.54
NC HEC Z . 1.49 10.04 36.97
C1C HEC Z . 1.66 9.34 35.78
C2C HEC Z . 1.20 10.17 34.70
C3C HEC Z . 0.90 11.37 35.19
C4C HEC Z . 1.04 11.30 36.64
CMC HEC Z . 1.31 9.83 33.18
CAC HEC Z . 0.49 12.64 34.40
CBC HEC Z . -0.72 12.42 33.47
ND HEC Z . 0.93 11.07 39.67
C1D HEC Z . 0.79 12.21 38.92
C2D HEC Z . 0.57 13.34 39.80
C3D HEC Z . 0.60 12.76 41.21
C4D HEC Z . 0.81 11.34 41.04
CMD HEC Z . 0.36 14.83 39.44
CAD HEC Z . 0.46 13.55 42.51
CBD HEC Z . 1.83 13.86 43.10
CGD HEC Z . 2.88 14.20 42.08
O1D HEC Z . 2.81 15.30 41.49
O2D HEC Z . 3.79 13.38 41.90
#